data_5C74
#
_entry.id   5C74
#
_cell.length_a   107.570
_cell.length_b   107.570
_cell.length_c   87.522
_cell.angle_alpha   90.00
_cell.angle_beta   90.00
_cell.angle_gamma   90.00
#
_symmetry.space_group_name_H-M   'P 41 21 2'
#
loop_
_entity.id
_entity.type
_entity.pdbx_description
1 polymer 'Protein arginine N-methyltransferase SFM1'
2 non-polymer 'SULFATE ION'
3 non-polymer 'NICKEL (II) ION'
4 water water
#
_entity_poly.entity_id   1
_entity_poly.type   'polypeptide(L)'
_entity_poly.pdbx_seq_one_letter_code
;MKYIIEHMEEGFSEWVILEYSQILREVGAENLILSSLPESTTEKDIPQRLLKLGLRWTTKDLKGINEDFKDLELLKDGRV
CLLDPRATIDLQPEDATKFDYFVFGGILGDHPPRDRTKELKTAYPNLLISRRLGDKQMTTDTAIRTTQLIIKDRIAFEDI
KFIDYPEFRFNKNEATEMPFRYVLDKEGKPILPEGMLDLIKKDSLEHHHHHH
;
_entity_poly.pdbx_strand_id   A,B
#
loop_
_chem_comp.id
_chem_comp.type
_chem_comp.name
_chem_comp.formula
NI non-polymer 'NICKEL (II) ION' 'Ni 2'
SO4 non-polymer 'SULFATE ION' 'O4 S -2'
#
# COMPACT_ATOMS: atom_id res chain seq x y z
N MET A 1 2.90 -10.57 25.26
CA MET A 1 3.16 -9.25 24.70
C MET A 1 2.13 -8.92 23.62
N LYS A 2 1.74 -7.65 23.55
CA LYS A 2 0.86 -7.22 22.48
C LYS A 2 1.60 -6.18 21.65
N TYR A 3 1.18 -6.04 20.40
CA TYR A 3 1.95 -5.27 19.42
C TYR A 3 1.11 -4.14 18.85
N ILE A 4 1.70 -2.95 18.79
CA ILE A 4 1.00 -1.80 18.21
C ILE A 4 1.82 -1.31 17.02
N ILE A 5 1.19 -1.19 15.86
CA ILE A 5 1.91 -0.67 14.69
C ILE A 5 1.24 0.61 14.25
N GLU A 6 1.98 1.70 14.21
CA GLU A 6 1.41 2.93 13.69
C GLU A 6 1.37 2.81 12.18
N HIS A 7 0.19 2.92 11.60
CA HIS A 7 0.05 2.78 10.15
C HIS A 7 -0.36 4.14 9.65
N MET A 8 0.61 5.04 9.49
CA MET A 8 0.32 6.45 9.25
C MET A 8 0.47 6.80 7.79
N GLU A 9 -0.19 6.03 6.94
CA GLU A 9 -0.11 6.26 5.51
C GLU A 9 -1.41 5.79 4.92
N GLU A 10 -1.77 6.37 3.79
CA GLU A 10 -2.96 5.95 3.09
C GLU A 10 -2.67 4.64 2.38
N GLY A 11 -3.57 3.68 2.48
CA GLY A 11 -3.47 2.46 1.70
C GLY A 11 -2.67 1.34 2.33
N PHE A 12 -2.91 0.13 1.83
CA PHE A 12 -2.18 -1.06 2.23
C PHE A 12 -1.57 -1.68 0.99
N SER A 13 -0.26 -1.63 0.87
CA SER A 13 0.42 -2.29 -0.24
C SER A 13 0.29 -3.80 -0.11
N GLU A 14 0.45 -4.52 -1.21
CA GLU A 14 0.28 -5.96 -1.18
C GLU A 14 1.29 -6.60 -0.23
N TRP A 15 2.53 -6.11 -0.22
CA TRP A 15 3.52 -6.74 0.66
C TRP A 15 3.18 -6.46 2.12
N VAL A 16 2.65 -5.28 2.41
CA VAL A 16 2.21 -4.96 3.78
C VAL A 16 1.04 -5.86 4.21
N ILE A 17 0.12 -6.11 3.30
CA ILE A 17 -1.00 -7.01 3.62
C ILE A 17 -0.49 -8.41 3.93
N LEU A 18 0.49 -8.87 3.16
CA LEU A 18 1.05 -10.19 3.44
C LEU A 18 1.77 -10.20 4.80
N GLU A 19 2.50 -9.13 5.10
CA GLU A 19 3.20 -9.06 6.40
C GLU A 19 2.23 -8.99 7.56
N TYR A 20 1.22 -8.12 7.46
CA TYR A 20 0.22 -8.04 8.53
C TYR A 20 -0.52 -9.37 8.71
N SER A 21 -0.83 -10.04 7.60
CA SER A 21 -1.52 -11.33 7.67
C SER A 21 -0.67 -12.33 8.42
N GLN A 22 0.64 -12.34 8.15
CA GLN A 22 1.54 -13.28 8.82
C GLN A 22 1.59 -12.98 10.31
N ILE A 23 1.64 -11.69 10.66
CA ILE A 23 1.64 -11.29 12.08
C ILE A 23 0.38 -11.77 12.79
N LEU A 24 -0.78 -11.53 12.17
CA LEU A 24 -2.04 -11.98 12.75
C LEU A 24 -2.10 -13.48 12.93
N ARG A 25 -1.57 -14.24 11.97
CA ARG A 25 -1.58 -15.69 12.10
C ARG A 25 -0.66 -16.12 13.24
N GLU A 26 0.43 -15.37 13.44
CA GLU A 26 1.37 -15.72 14.49
C GLU A 26 0.90 -15.34 15.88
N VAL A 27 0.54 -14.08 16.10
CA VAL A 27 0.27 -13.64 17.48
C VAL A 27 -1.21 -13.55 17.80
N GLY A 28 -2.06 -13.54 16.77
CA GLY A 28 -3.49 -13.50 16.98
C GLY A 28 -4.08 -12.10 16.89
N ALA A 29 -5.34 -12.03 16.47
CA ALA A 29 -6.00 -10.75 16.20
C ALA A 29 -6.21 -9.92 17.46
N GLU A 30 -6.22 -10.56 18.63
CA GLU A 30 -6.38 -9.80 19.86
C GLU A 30 -5.09 -9.12 20.29
N ASN A 31 -3.97 -9.48 19.66
CA ASN A 31 -2.67 -9.05 20.13
C ASN A 31 -1.91 -8.15 19.18
N LEU A 32 -2.60 -7.67 18.15
CA LEU A 32 -2.05 -6.67 17.23
C LEU A 32 -3.06 -5.52 17.10
N ILE A 33 -2.59 -4.29 17.21
CA ILE A 33 -3.45 -3.14 16.91
C ILE A 33 -2.75 -2.17 15.98
N LEU A 34 -3.42 -1.76 14.92
CA LEU A 34 -2.90 -0.70 14.06
C LEU A 34 -3.45 0.61 14.58
N SER A 35 -2.59 1.61 14.74
CA SER A 35 -3.04 2.89 15.28
C SER A 35 -2.63 4.05 14.38
N SER A 36 -3.21 5.21 14.66
CA SER A 36 -2.95 6.45 13.91
C SER A 36 -3.19 6.29 12.41
N LEU A 37 -4.16 5.47 12.01
CA LEU A 37 -4.60 5.45 10.61
C LEU A 37 -5.08 6.85 10.21
N PRO A 38 -4.96 7.19 8.91
CA PRO A 38 -5.47 8.47 8.41
C PRO A 38 -6.91 8.70 8.82
N GLU A 39 -7.22 9.96 9.11
CA GLU A 39 -8.52 10.30 9.69
C GLU A 39 -9.69 9.88 8.80
N SER A 40 -9.44 9.75 7.50
CA SER A 40 -10.51 9.44 6.54
C SER A 40 -10.80 7.94 6.44
N THR A 41 -10.08 7.14 7.20
CA THR A 41 -10.21 5.69 7.10
C THR A 41 -11.54 5.17 7.60
N THR A 42 -12.20 4.31 6.83
CA THR A 42 -13.37 3.59 7.31
C THR A 42 -13.13 2.12 7.07
N GLU A 43 -14.04 1.27 7.55
CA GLU A 43 -13.85 -0.15 7.36
C GLU A 43 -13.69 -0.52 5.89
N LYS A 44 -14.34 0.24 5.00
CA LYS A 44 -14.24 -0.06 3.57
C LYS A 44 -12.81 0.04 3.04
N ASP A 45 -11.96 0.76 3.76
CA ASP A 45 -10.57 0.92 3.34
C ASP A 45 -9.66 -0.22 3.78
N ILE A 46 -10.16 -1.09 4.63
CA ILE A 46 -9.32 -2.18 5.16
C ILE A 46 -9.41 -3.39 4.25
N PRO A 47 -8.25 -3.92 3.82
CA PRO A 47 -8.26 -5.09 2.92
C PRO A 47 -9.14 -6.22 3.47
N GLN A 48 -9.92 -6.85 2.59
CA GLN A 48 -10.81 -7.94 3.02
C GLN A 48 -10.07 -9.08 3.71
N ARG A 49 -8.86 -9.37 3.27
CA ARG A 49 -8.08 -10.44 3.88
C ARG A 49 -7.79 -10.11 5.34
N LEU A 50 -7.54 -8.85 5.64
CA LEU A 50 -7.20 -8.47 7.00
C LEU A 50 -8.45 -8.41 7.89
N LEU A 51 -9.54 -7.92 7.33
CA LEU A 51 -10.82 -7.94 8.05
C LEU A 51 -11.19 -9.38 8.42
N LYS A 52 -11.05 -10.31 7.48
CA LYS A 52 -11.41 -11.70 7.76
C LYS A 52 -10.50 -12.31 8.84
N LEU A 53 -9.29 -11.80 8.94
CA LEU A 53 -8.37 -12.27 9.98
C LEU A 53 -8.60 -11.57 11.33
N GLY A 54 -9.52 -10.62 11.36
CA GLY A 54 -9.88 -9.97 12.60
C GLY A 54 -9.06 -8.74 12.98
N LEU A 55 -8.46 -8.08 11.99
CA LEU A 55 -7.59 -6.95 12.24
C LEU A 55 -8.24 -5.84 13.05
N ARG A 56 -7.60 -5.46 14.16
CA ARG A 56 -8.01 -4.28 14.93
C ARG A 56 -7.24 -3.05 14.51
N TRP A 57 -7.97 -1.97 14.25
CA TRP A 57 -7.34 -0.73 13.80
C TRP A 57 -8.07 0.47 14.37
N THR A 58 -7.37 1.60 14.47
CA THR A 58 -8.03 2.84 14.89
C THR A 58 -7.32 4.03 14.30
N THR A 59 -8.05 5.13 14.09
CA THR A 59 -7.41 6.36 13.67
C THR A 59 -6.79 7.07 14.88
N LYS A 60 -7.21 6.69 16.08
CA LYS A 60 -6.62 7.28 17.29
C LYS A 60 -5.17 6.83 17.45
N ASP A 61 -4.38 7.57 18.23
CA ASP A 61 -3.02 7.10 18.46
C ASP A 61 -3.03 6.03 19.57
N LEU A 62 -1.85 5.58 19.96
CA LEU A 62 -1.75 4.41 20.83
C LEU A 62 -2.43 4.66 22.18
N LYS A 63 -2.53 5.91 22.59
CA LYS A 63 -3.16 6.23 23.87
C LYS A 63 -4.68 6.25 23.78
N GLY A 64 -5.22 6.04 22.58
CA GLY A 64 -6.67 5.94 22.41
C GLY A 64 -7.14 4.51 22.20
N ILE A 65 -6.18 3.58 22.20
CA ILE A 65 -6.49 2.18 21.93
C ILE A 65 -7.40 1.55 22.99
N ASN A 66 -7.16 1.90 24.26
CA ASN A 66 -7.91 1.28 25.35
C ASN A 66 -9.38 1.68 25.28
N GLU A 67 -9.64 2.94 24.93
CA GLU A 67 -10.99 3.41 24.71
C GLU A 67 -11.69 2.67 23.56
N ASP A 68 -10.95 2.34 22.50
CA ASP A 68 -11.58 1.67 21.36
C ASP A 68 -11.72 0.16 21.51
N PHE A 69 -10.89 -0.42 22.36
CA PHE A 69 -10.84 -1.87 22.56
C PHE A 69 -10.81 -2.16 24.05
N LYS A 70 -12.01 -2.22 24.62
CA LYS A 70 -12.14 -2.19 26.06
C LYS A 70 -11.67 -3.50 26.72
N ASP A 71 -11.49 -4.54 25.91
CA ASP A 71 -10.98 -5.80 26.44
C ASP A 71 -9.46 -5.79 26.71
N LEU A 72 -8.74 -4.85 26.11
CA LEU A 72 -7.28 -4.84 26.26
C LEU A 72 -6.85 -4.32 27.63
N GLU A 73 -5.73 -4.86 28.14
CA GLU A 73 -5.20 -4.31 29.39
C GLU A 73 -4.72 -2.89 29.11
N LEU A 74 -4.80 -2.03 30.12
CA LEU A 74 -4.42 -0.62 29.96
C LEU A 74 -2.96 -0.48 29.56
N LEU A 75 -2.66 0.48 28.69
CA LEU A 75 -1.27 0.91 28.46
C LEU A 75 -0.81 1.68 29.69
N LYS A 76 0.18 1.13 30.38
CA LYS A 76 0.64 1.75 31.62
C LYS A 76 1.99 2.43 31.44
N ASP A 77 2.15 3.57 32.08
CA ASP A 77 3.40 4.32 31.95
C ASP A 77 4.60 3.45 32.31
N GLY A 78 5.61 3.48 31.44
CA GLY A 78 6.83 2.72 31.64
C GLY A 78 6.69 1.25 31.27
N ARG A 79 5.49 0.82 30.90
CA ARG A 79 5.30 -0.59 30.54
C ARG A 79 4.99 -0.74 29.05
N VAL A 80 5.27 0.31 28.29
CA VAL A 80 5.12 0.23 26.83
C VAL A 80 6.49 0.44 26.19
N CYS A 81 6.94 -0.57 25.44
CA CYS A 81 8.25 -0.55 24.80
C CYS A 81 8.16 0.04 23.40
N LEU A 82 9.11 0.90 23.06
CA LEU A 82 9.15 1.45 21.71
C LEU A 82 10.37 0.90 20.99
N LEU A 83 10.16 0.25 19.84
CA LEU A 83 11.29 -0.13 18.99
C LEU A 83 12.03 1.14 18.59
N ASP A 84 13.30 1.19 18.89
CA ASP A 84 14.05 2.42 18.69
C ASP A 84 15.44 2.08 18.13
N PRO A 85 15.65 2.30 16.83
CA PRO A 85 16.95 2.01 16.23
C PRO A 85 18.08 2.90 16.75
N ARG A 86 17.74 4.00 17.43
CA ARG A 86 18.77 4.88 17.99
C ARG A 86 19.13 4.51 19.42
N ALA A 87 18.41 3.53 19.99
CA ALA A 87 18.70 3.07 21.34
C ALA A 87 19.90 2.13 21.31
N THR A 88 20.50 1.85 22.46
CA THR A 88 21.59 0.89 22.48
C THR A 88 21.24 -0.38 23.23
N ILE A 89 20.26 -0.31 24.13
CA ILE A 89 19.91 -1.48 24.92
C ILE A 89 19.00 -2.42 24.11
N ASP A 90 19.44 -3.65 23.86
CA ASP A 90 18.60 -4.62 23.17
C ASP A 90 17.52 -5.15 24.10
N LEU A 91 16.35 -5.45 23.54
CA LEU A 91 15.33 -6.20 24.25
C LEU A 91 15.92 -7.52 24.72
N GLN A 92 15.71 -7.85 25.99
CA GLN A 92 16.25 -9.08 26.58
C GLN A 92 15.12 -9.89 27.19
N PRO A 93 15.35 -11.19 27.45
CA PRO A 93 14.30 -11.99 28.09
C PRO A 93 13.83 -11.41 29.44
N GLU A 94 14.72 -10.77 30.19
CA GLU A 94 14.33 -10.19 31.48
C GLU A 94 13.33 -9.04 31.34
N ASP A 95 13.24 -8.45 30.14
CA ASP A 95 12.26 -7.38 29.89
C ASP A 95 10.83 -7.88 29.83
N ALA A 96 10.64 -9.19 29.79
CA ALA A 96 9.29 -9.76 29.74
C ALA A 96 8.41 -9.32 30.92
N THR A 97 8.99 -9.11 32.11
CA THR A 97 8.20 -8.62 33.24
C THR A 97 7.93 -7.12 33.21
N LYS A 98 8.57 -6.41 32.28
CA LYS A 98 8.56 -4.95 32.29
C LYS A 98 7.53 -4.34 31.36
N PHE A 99 7.25 -5.05 30.26
CA PHE A 99 6.49 -4.48 29.15
C PHE A 99 5.25 -5.30 28.82
N ASP A 100 4.15 -4.61 28.52
CA ASP A 100 2.91 -5.26 28.09
C ASP A 100 2.66 -5.05 26.61
N TYR A 101 3.19 -3.94 26.07
CA TYR A 101 3.02 -3.56 24.67
C TYR A 101 4.36 -3.23 24.04
N PHE A 102 4.46 -3.50 22.73
CA PHE A 102 5.65 -3.21 21.94
C PHE A 102 5.18 -2.41 20.75
N VAL A 103 5.77 -1.24 20.56
CA VAL A 103 5.26 -0.27 19.57
C VAL A 103 6.21 -0.07 18.39
N PHE A 104 5.67 -0.13 17.18
CA PHE A 104 6.42 0.23 15.98
C PHE A 104 5.97 1.62 15.60
N GLY A 105 6.88 2.58 15.75
CA GLY A 105 6.59 3.96 15.43
C GLY A 105 6.34 4.12 13.94
N GLY A 106 5.55 5.13 13.58
CA GLY A 106 5.22 5.32 12.18
C GLY A 106 6.46 5.73 11.41
N ILE A 107 6.54 5.30 10.15
CA ILE A 107 7.61 5.74 9.26
C ILE A 107 7.01 6.76 8.30
N LEU A 108 7.49 8.00 8.38
CA LEU A 108 6.91 9.09 7.64
C LEU A 108 7.83 9.50 6.50
N GLY A 109 7.34 10.33 5.59
CA GLY A 109 8.13 10.77 4.45
C GLY A 109 9.22 11.77 4.81
N ASP A 110 9.77 12.41 3.78
CA ASP A 110 10.83 13.38 4.00
C ASP A 110 10.34 14.81 3.80
N HIS A 111 9.02 15.00 3.77
CA HIS A 111 8.46 16.32 3.53
C HIS A 111 7.39 16.72 4.55
N PRO A 112 7.83 17.21 5.72
CA PRO A 112 9.23 17.39 6.07
C PRO A 112 9.78 16.17 6.79
N PRO A 113 11.10 16.11 7.03
CA PRO A 113 11.63 15.03 7.85
C PRO A 113 11.03 15.08 9.24
N ARG A 114 10.67 13.92 9.78
CA ARG A 114 10.08 13.88 11.12
C ARG A 114 10.76 12.82 11.96
N ASP A 115 10.82 13.08 13.26
CA ASP A 115 11.37 12.15 14.23
C ASP A 115 10.20 11.63 15.08
N ARG A 116 9.61 10.54 14.64
CA ARG A 116 8.38 10.03 15.25
C ARG A 116 8.63 9.58 16.68
N THR A 117 9.82 9.07 16.94
CA THR A 117 10.18 8.68 18.30
C THR A 117 10.08 9.89 19.21
N LYS A 118 10.67 11.00 18.77
CA LYS A 118 10.65 12.21 19.59
C LYS A 118 9.23 12.78 19.72
N GLU A 119 8.46 12.68 18.64
CA GLU A 119 7.06 13.11 18.70
C GLU A 119 6.27 12.34 19.75
N LEU A 120 6.40 11.01 19.73
CA LEU A 120 5.66 10.17 20.67
C LEU A 120 6.06 10.48 22.10
N LYS A 121 7.37 10.54 22.34
CA LYS A 121 7.88 10.79 23.69
C LYS A 121 7.55 12.18 24.20
N THR A 122 7.53 13.15 23.30
CA THR A 122 7.16 14.50 23.68
C THR A 122 5.66 14.56 24.04
N ALA A 123 4.84 13.81 23.30
CA ALA A 123 3.41 13.77 23.60
C ALA A 123 3.12 13.06 24.91
N TYR A 124 3.86 11.97 25.15
CA TYR A 124 3.62 11.10 26.31
C TYR A 124 4.94 10.76 27.02
N PRO A 125 5.53 11.76 27.72
CA PRO A 125 6.88 11.58 28.24
C PRO A 125 7.01 10.50 29.33
N ASN A 126 5.92 10.17 30.01
CA ASN A 126 5.94 9.10 31.01
C ASN A 126 5.72 7.68 30.45
N LEU A 127 5.35 7.61 29.18
CA LEU A 127 4.79 6.35 28.67
C LEU A 127 5.80 5.30 28.19
N LEU A 128 6.77 5.72 27.37
CA LEU A 128 7.53 4.76 26.57
C LEU A 128 8.97 4.53 27.07
N ILE A 129 9.44 3.31 26.85
CA ILE A 129 10.84 2.94 27.11
C ILE A 129 11.42 2.36 25.82
N SER A 130 12.52 2.94 25.35
CA SER A 130 13.14 2.50 24.10
C SER A 130 13.91 1.17 24.25
N ARG A 131 13.79 0.32 23.25
CA ARG A 131 14.65 -0.86 23.10
C ARG A 131 15.05 -1.05 21.66
N ARG A 132 16.25 -1.57 21.45
CA ARG A 132 16.72 -1.98 20.14
C ARG A 132 16.43 -3.47 19.91
N LEU A 133 16.33 -3.89 18.65
CA LEU A 133 16.33 -5.31 18.33
C LEU A 133 17.52 -5.62 17.41
N GLY A 134 18.73 -5.52 17.95
CA GLY A 134 19.93 -5.75 17.16
C GLY A 134 20.26 -4.58 16.25
N ASP A 135 21.37 -4.65 15.53
CA ASP A 135 21.79 -3.48 14.79
C ASP A 135 21.47 -3.57 13.30
N LYS A 136 20.56 -4.47 12.93
CA LYS A 136 20.14 -4.52 11.54
C LYS A 136 18.63 -4.44 11.38
N GLN A 137 18.20 -3.65 10.41
CA GLN A 137 16.77 -3.52 10.12
C GLN A 137 16.12 -4.85 9.81
N MET A 138 14.90 -5.02 10.34
CA MET A 138 14.06 -6.17 10.10
C MET A 138 12.73 -5.73 9.49
N THR A 139 12.09 -6.63 8.73
CA THR A 139 10.69 -6.41 8.39
C THR A 139 9.87 -6.46 9.66
N THR A 140 8.68 -5.88 9.60
CA THR A 140 7.87 -5.82 10.81
C THR A 140 7.49 -7.20 11.31
N ASP A 141 7.13 -8.12 10.41
CA ASP A 141 6.78 -9.46 10.85
C ASP A 141 7.97 -10.20 11.46
N THR A 142 9.17 -9.95 10.94
CA THR A 142 10.38 -10.55 11.52
C THR A 142 10.66 -9.97 12.92
N ALA A 143 10.46 -8.65 13.07
CA ALA A 143 10.70 -7.99 14.35
C ALA A 143 9.75 -8.55 15.40
N ILE A 144 8.51 -8.78 15.00
CA ILE A 144 7.52 -9.35 15.92
C ILE A 144 7.88 -10.80 16.24
N ARG A 145 8.31 -11.58 15.25
CA ARG A 145 8.73 -12.95 15.55
C ARG A 145 9.90 -12.93 16.55
N THR A 146 10.84 -12.03 16.31
CA THR A 146 12.00 -11.92 17.15
C THR A 146 11.61 -11.55 18.57
N THR A 147 10.68 -10.61 18.69
CA THR A 147 10.23 -10.20 20.01
C THR A 147 9.56 -11.35 20.76
N GLN A 148 8.79 -12.15 20.04
CA GLN A 148 8.15 -13.33 20.64
C GLN A 148 9.20 -14.31 21.16
N LEU A 149 10.23 -14.55 20.38
CA LEU A 149 11.29 -15.47 20.78
C LEU A 149 11.96 -14.99 22.07
N ILE A 150 12.15 -13.67 22.17
CA ILE A 150 12.86 -13.09 23.31
C ILE A 150 11.98 -13.05 24.56
N ILE A 151 10.74 -12.58 24.38
CA ILE A 151 9.86 -12.27 25.49
C ILE A 151 9.02 -13.48 25.91
N LYS A 152 8.51 -14.20 24.93
CA LYS A 152 7.68 -15.38 25.23
C LYS A 152 8.53 -16.61 25.50
N ASP A 153 9.47 -16.91 24.60
CA ASP A 153 10.26 -18.12 24.73
C ASP A 153 11.53 -17.93 25.56
N ARG A 154 11.87 -16.68 25.84
CA ARG A 154 13.03 -16.33 26.68
C ARG A 154 14.34 -16.73 26.02
N ILE A 155 14.38 -16.59 24.70
CA ILE A 155 15.62 -16.84 23.95
C ILE A 155 16.32 -15.51 23.74
N ALA A 156 17.52 -15.37 24.26
CA ALA A 156 18.28 -14.13 24.10
C ALA A 156 18.57 -13.85 22.61
N PHE A 157 18.59 -12.56 22.26
CA PHE A 157 18.82 -12.16 20.87
C PHE A 157 20.05 -12.86 20.25
N GLU A 158 21.13 -12.94 21.01
CA GLU A 158 22.38 -13.51 20.49
C GLU A 158 22.29 -15.02 20.22
N ASP A 159 21.22 -15.66 20.70
CA ASP A 159 21.00 -17.09 20.49
C ASP A 159 20.00 -17.41 19.38
N ILE A 160 19.35 -16.38 18.83
CA ILE A 160 18.46 -16.59 17.70
C ILE A 160 19.28 -16.76 16.43
N LYS A 161 18.90 -17.72 15.60
CA LYS A 161 19.57 -17.94 14.32
C LYS A 161 18.96 -17.04 13.23
N PHE A 162 19.76 -16.10 12.74
CA PHE A 162 19.33 -15.18 11.68
C PHE A 162 20.08 -15.42 10.37
N ILE A 163 19.55 -14.85 9.28
CA ILE A 163 20.31 -14.67 8.05
C ILE A 163 20.20 -13.20 7.67
N ASP A 164 21.31 -12.59 7.30
CA ASP A 164 21.32 -11.18 6.93
C ASP A 164 21.33 -11.04 5.42
N TYR A 165 20.44 -10.21 4.90
CA TYR A 165 20.41 -9.91 3.47
C TYR A 165 20.34 -11.17 2.60
N PRO A 166 19.33 -12.03 2.83
CA PRO A 166 19.23 -13.22 2.00
C PRO A 166 19.03 -12.87 0.54
N GLU A 167 19.54 -13.70 -0.34
CA GLU A 167 19.35 -13.50 -1.78
C GLU A 167 18.50 -14.65 -2.31
N PHE A 168 17.47 -14.32 -3.09
CA PHE A 168 16.59 -15.32 -3.68
C PHE A 168 16.80 -15.39 -5.18
N ARG A 169 17.33 -16.51 -5.66
CA ARG A 169 17.62 -16.68 -7.08
C ARG A 169 16.46 -17.35 -7.83
N PHE A 170 16.05 -16.77 -8.95
CA PHE A 170 14.92 -17.30 -9.72
C PHE A 170 15.35 -17.90 -11.06
N ASN A 171 16.54 -17.54 -11.50
CA ASN A 171 17.20 -18.18 -12.64
C ASN A 171 18.65 -17.74 -12.70
N LYS A 172 19.39 -18.20 -13.71
CA LYS A 172 20.82 -17.93 -13.73
C LYS A 172 21.12 -16.44 -13.93
N ASN A 173 20.16 -15.69 -14.45
CA ASN A 173 20.37 -14.27 -14.70
C ASN A 173 19.68 -13.30 -13.72
N GLU A 174 18.95 -13.83 -12.74
CA GLU A 174 18.12 -12.97 -11.91
C GLU A 174 18.03 -13.46 -10.48
N ALA A 175 18.37 -12.59 -9.54
CA ALA A 175 18.21 -12.88 -8.12
C ALA A 175 17.81 -11.59 -7.44
N THR A 176 17.10 -11.69 -6.33
CA THR A 176 16.70 -10.51 -5.58
C THR A 176 17.24 -10.60 -4.17
N GLU A 177 17.94 -9.55 -3.74
CA GLU A 177 18.37 -9.45 -2.35
C GLU A 177 17.39 -8.63 -1.55
N MET A 178 16.94 -9.19 -0.41
CA MET A 178 16.10 -8.48 0.58
C MET A 178 17.00 -7.99 1.70
N PRO A 179 17.16 -6.66 1.79
CA PRO A 179 18.17 -6.05 2.66
C PRO A 179 17.74 -5.97 4.12
N PHE A 180 17.40 -7.13 4.70
CA PHE A 180 16.93 -7.21 6.06
C PHE A 180 17.54 -8.40 6.74
N ARG A 181 17.45 -8.41 8.05
CA ARG A 181 17.82 -9.56 8.84
C ARG A 181 16.56 -10.38 9.05
N TYR A 182 16.62 -11.67 8.73
CA TYR A 182 15.46 -12.56 8.88
C TYR A 182 15.74 -13.69 9.88
N VAL A 183 14.69 -14.19 10.52
CA VAL A 183 14.82 -15.37 11.37
C VAL A 183 14.85 -16.60 10.48
N LEU A 184 15.73 -17.56 10.81
CA LEU A 184 15.80 -18.81 10.07
C LEU A 184 14.81 -19.84 10.58
N ASP A 185 14.23 -20.63 9.67
CA ASP A 185 13.48 -21.80 10.09
C ASP A 185 14.45 -22.94 10.34
N LYS A 186 13.92 -24.12 10.67
CA LYS A 186 14.79 -25.21 11.09
C LYS A 186 15.42 -25.93 9.89
N GLU A 187 15.10 -25.48 8.69
CA GLU A 187 15.77 -25.99 7.50
C GLU A 187 16.82 -24.99 6.99
N GLY A 188 17.02 -23.90 7.71
CA GLY A 188 18.04 -22.92 7.35
C GLY A 188 17.56 -21.91 6.32
N LYS A 189 16.25 -21.73 6.22
CA LYS A 189 15.72 -20.80 5.24
C LYS A 189 15.06 -19.64 5.96
N PRO A 190 15.19 -18.44 5.39
CA PRO A 190 14.59 -17.28 6.05
C PRO A 190 13.06 -17.43 6.11
N ILE A 191 12.47 -17.03 7.22
CA ILE A 191 11.02 -17.11 7.39
C ILE A 191 10.38 -15.87 6.78
N LEU A 192 9.59 -16.09 5.73
CA LEU A 192 8.87 -15.02 5.05
C LEU A 192 7.37 -15.21 5.22
N PRO A 193 6.59 -14.13 5.15
CA PRO A 193 5.13 -14.26 5.16
C PRO A 193 4.67 -15.18 4.04
N GLU A 194 3.58 -15.90 4.24
CA GLU A 194 2.98 -16.64 3.15
C GLU A 194 2.80 -15.70 1.96
N GLY A 195 3.17 -16.15 0.76
CA GLY A 195 2.95 -15.35 -0.42
C GLY A 195 4.06 -14.35 -0.76
N MET A 196 4.94 -14.07 0.18
CA MET A 196 5.96 -13.03 -0.08
C MET A 196 6.99 -13.48 -1.13
N LEU A 197 7.46 -14.72 -1.05
CA LEU A 197 8.44 -15.16 -2.06
C LEU A 197 7.81 -15.10 -3.45
N ASP A 198 6.54 -15.48 -3.54
CA ASP A 198 5.80 -15.35 -4.80
C ASP A 198 5.79 -13.92 -5.29
N LEU A 199 5.56 -12.97 -4.37
CA LEU A 199 5.53 -11.55 -4.73
C LEU A 199 6.91 -11.10 -5.22
N ILE A 200 7.95 -11.58 -4.54
CA ILE A 200 9.31 -11.23 -4.94
C ILE A 200 9.60 -11.77 -6.34
N LYS A 201 9.16 -13.01 -6.58
CA LYS A 201 9.32 -13.64 -7.89
C LYS A 201 8.56 -12.88 -8.96
N LYS A 202 7.35 -12.45 -8.65
CA LYS A 202 6.56 -11.66 -9.58
C LYS A 202 7.28 -10.37 -9.96
N ASP A 203 7.84 -9.68 -8.97
CA ASP A 203 8.59 -8.47 -9.23
C ASP A 203 9.83 -8.74 -10.09
N SER A 204 10.46 -9.89 -9.87
CA SER A 204 11.67 -10.24 -10.62
C SER A 204 11.39 -10.36 -12.11
N LEU A 205 10.20 -10.85 -12.45
CA LEU A 205 9.80 -11.00 -13.83
C LEU A 205 9.45 -9.67 -14.48
N GLU A 206 9.27 -8.64 -13.67
CA GLU A 206 8.86 -7.34 -14.19
C GLU A 206 10.08 -6.48 -14.52
N HIS A 207 9.83 -5.37 -15.22
CA HIS A 207 10.90 -4.49 -15.67
C HIS A 207 11.71 -3.95 -14.51
N HIS A 208 13.04 -3.97 -14.62
CA HIS A 208 13.86 -3.39 -13.56
C HIS A 208 15.25 -3.13 -14.08
N HIS A 209 16.04 -2.41 -13.29
CA HIS A 209 17.42 -2.10 -13.67
C HIS A 209 18.36 -2.67 -12.63
N HIS A 210 19.63 -2.81 -12.97
CA HIS A 210 20.61 -3.19 -11.96
C HIS A 210 21.59 -2.10 -11.63
N HIS A 211 21.38 -0.93 -12.22
CA HIS A 211 22.11 0.25 -11.80
C HIS A 211 21.27 1.53 -11.85
N MET B 1 -13.58 19.72 -28.19
CA MET B 1 -13.42 18.31 -28.53
C MET B 1 -14.10 17.42 -27.50
N LYS B 2 -14.78 16.37 -27.99
CA LYS B 2 -15.36 15.36 -27.11
C LYS B 2 -14.62 14.05 -27.29
N TYR B 3 -14.76 13.14 -26.34
CA TYR B 3 -13.91 11.94 -26.33
C TYR B 3 -14.72 10.66 -26.23
N ILE B 4 -14.36 9.68 -27.05
CA ILE B 4 -15.03 8.38 -27.02
C ILE B 4 -14.03 7.29 -26.67
N ILE B 5 -14.35 6.50 -25.65
CA ILE B 5 -13.47 5.40 -25.28
C ILE B 5 -14.20 4.07 -25.36
N GLU B 6 -13.69 3.19 -26.22
CA GLU B 6 -14.21 1.84 -26.31
C GLU B 6 -13.77 1.04 -25.07
N HIS B 7 -14.75 0.57 -24.31
CA HIS B 7 -14.49 -0.26 -23.14
C HIS B 7 -15.25 -1.57 -23.28
N MET B 8 -14.62 -2.55 -23.92
CA MET B 8 -15.33 -3.78 -24.28
C MET B 8 -15.17 -4.91 -23.28
N GLU B 9 -14.01 -4.99 -22.63
CA GLU B 9 -13.76 -6.08 -21.68
C GLU B 9 -14.56 -5.91 -20.39
N GLU B 10 -14.81 -7.04 -19.72
CA GLU B 10 -15.70 -7.09 -18.58
C GLU B 10 -15.10 -6.46 -17.32
N GLY B 11 -15.91 -5.70 -16.60
CA GLY B 11 -15.48 -5.09 -15.34
C GLY B 11 -14.61 -3.85 -15.47
N PHE B 12 -14.40 -3.17 -14.35
CA PHE B 12 -13.60 -1.94 -14.31
C PHE B 12 -12.48 -2.06 -13.30
N SER B 13 -11.24 -2.06 -13.79
CA SER B 13 -10.08 -2.13 -12.89
C SER B 13 -10.02 -0.84 -12.07
N GLU B 14 -9.33 -0.87 -10.95
CA GLU B 14 -9.22 0.32 -10.11
C GLU B 14 -8.43 1.39 -10.85
N TRP B 15 -7.39 0.97 -11.56
CA TRP B 15 -6.62 1.85 -12.44
C TRP B 15 -7.55 2.61 -13.39
N VAL B 16 -8.40 1.88 -14.10
CA VAL B 16 -9.30 2.46 -15.08
C VAL B 16 -10.35 3.37 -14.42
N ILE B 17 -10.82 2.98 -13.23
CA ILE B 17 -11.78 3.83 -12.53
C ILE B 17 -11.16 5.17 -12.17
N LEU B 18 -9.90 5.15 -11.72
CA LEU B 18 -9.19 6.38 -11.40
C LEU B 18 -8.92 7.21 -12.64
N GLU B 19 -8.55 6.55 -13.75
CA GLU B 19 -8.36 7.25 -15.02
C GLU B 19 -9.62 7.91 -15.53
N TYR B 20 -10.71 7.15 -15.61
CA TYR B 20 -11.97 7.71 -16.12
C TYR B 20 -12.47 8.82 -15.20
N SER B 21 -12.32 8.65 -13.89
CA SER B 21 -12.72 9.69 -12.94
C SER B 21 -11.97 10.99 -13.20
N GLN B 22 -10.66 10.90 -13.40
CA GLN B 22 -9.86 12.08 -13.69
C GLN B 22 -10.34 12.74 -14.97
N ILE B 23 -10.54 11.93 -16.01
CA ILE B 23 -11.04 12.49 -17.28
C ILE B 23 -12.36 13.22 -17.10
N LEU B 24 -13.29 12.63 -16.35
CA LEU B 24 -14.59 13.25 -16.12
C LEU B 24 -14.44 14.57 -15.37
N ARG B 25 -13.56 14.57 -14.38
CA ARG B 25 -13.35 15.79 -13.61
C ARG B 25 -12.68 16.88 -14.45
N GLU B 26 -11.94 16.49 -15.48
CA GLU B 26 -11.27 17.48 -16.33
C GLU B 26 -12.06 17.97 -17.53
N VAL B 27 -12.81 17.11 -18.23
CA VAL B 27 -13.56 17.58 -19.40
C VAL B 27 -15.07 17.62 -19.19
N GLY B 28 -15.55 16.94 -18.15
CA GLY B 28 -16.97 16.98 -17.86
C GLY B 28 -17.71 15.81 -18.49
N ALA B 29 -18.82 15.44 -17.87
CA ALA B 29 -19.58 14.26 -18.28
C ALA B 29 -20.19 14.39 -19.68
N GLU B 30 -20.36 15.62 -20.14
CA GLU B 30 -20.92 15.84 -21.46
C GLU B 30 -19.88 15.68 -22.59
N ASN B 31 -18.62 15.49 -22.21
CA ASN B 31 -17.54 15.43 -23.18
C ASN B 31 -16.85 14.07 -23.25
N LEU B 32 -17.37 13.08 -22.52
CA LEU B 32 -16.83 11.72 -22.55
C LEU B 32 -17.95 10.71 -22.76
N ILE B 33 -17.74 9.75 -23.66
CA ILE B 33 -18.67 8.64 -23.82
C ILE B 33 -17.91 7.30 -23.83
N LEU B 34 -18.36 6.34 -23.03
CA LEU B 34 -17.89 4.96 -23.18
C LEU B 34 -18.79 4.16 -24.13
N SER B 35 -18.20 3.60 -25.18
CA SER B 35 -18.95 2.84 -26.17
C SER B 35 -18.53 1.37 -26.22
N SER B 36 -19.35 0.56 -26.90
CA SER B 36 -19.05 -0.85 -27.13
C SER B 36 -18.80 -1.65 -25.84
N LEU B 37 -19.60 -1.39 -24.81
CA LEU B 37 -19.56 -2.18 -23.59
C LEU B 37 -20.25 -3.51 -23.82
N PRO B 38 -19.92 -4.54 -23.03
CA PRO B 38 -20.57 -5.85 -23.19
C PRO B 38 -22.08 -5.77 -23.05
N GLU B 39 -22.80 -6.56 -23.86
CA GLU B 39 -24.26 -6.54 -23.91
C GLU B 39 -24.86 -6.77 -22.51
N SER B 40 -24.12 -7.47 -21.68
CA SER B 40 -24.53 -7.80 -20.32
C SER B 40 -24.80 -6.55 -19.47
N THR B 41 -24.12 -5.47 -19.80
CA THR B 41 -24.00 -4.32 -18.90
C THR B 41 -25.33 -3.64 -18.57
N THR B 42 -25.58 -3.45 -17.28
CA THR B 42 -26.64 -2.58 -16.79
C THR B 42 -26.01 -1.55 -15.86
N GLU B 43 -26.82 -0.71 -15.22
CA GLU B 43 -26.27 0.42 -14.48
C GLU B 43 -25.74 0.07 -13.09
N LYS B 44 -25.71 -1.20 -12.74
CA LYS B 44 -25.07 -1.58 -11.49
C LYS B 44 -23.81 -2.36 -11.80
N ASP B 45 -23.53 -2.53 -13.10
CA ASP B 45 -22.24 -3.01 -13.56
C ASP B 45 -21.23 -1.86 -13.63
N ILE B 46 -21.75 -0.64 -13.55
CA ILE B 46 -20.91 0.56 -13.62
C ILE B 46 -20.53 1.04 -12.23
N PRO B 47 -19.23 1.32 -11.99
CA PRO B 47 -18.78 1.79 -10.67
C PRO B 47 -19.55 2.99 -10.17
N GLN B 48 -19.82 3.01 -8.87
CA GLN B 48 -20.58 4.10 -8.28
C GLN B 48 -19.85 5.43 -8.42
N ARG B 49 -18.52 5.39 -8.42
CA ARG B 49 -17.75 6.62 -8.55
C ARG B 49 -17.96 7.24 -9.93
N LEU B 50 -18.10 6.40 -10.94
CA LEU B 50 -18.31 6.87 -12.30
C LEU B 50 -19.76 7.34 -12.46
N LEU B 51 -20.70 6.58 -11.91
CA LEU B 51 -22.11 6.97 -11.92
C LEU B 51 -22.35 8.31 -11.22
N LYS B 52 -21.69 8.51 -10.09
CA LYS B 52 -21.78 9.77 -9.36
C LYS B 52 -21.34 10.96 -10.21
N LEU B 53 -20.43 10.73 -11.16
CA LEU B 53 -19.88 11.80 -11.99
C LEU B 53 -20.60 11.94 -13.34
N GLY B 54 -21.65 11.16 -13.54
CA GLY B 54 -22.51 11.30 -14.71
C GLY B 54 -22.05 10.61 -15.98
N LEU B 55 -21.26 9.55 -15.83
CA LEU B 55 -20.68 8.83 -16.97
C LEU B 55 -21.69 8.42 -18.05
N ARG B 56 -21.42 8.82 -19.28
CA ARG B 56 -22.19 8.36 -20.42
C ARG B 56 -21.59 7.07 -20.94
N TRP B 57 -22.40 6.03 -21.06
CA TRP B 57 -21.90 4.73 -21.53
C TRP B 57 -22.96 3.99 -22.34
N THR B 58 -22.51 3.17 -23.28
CA THR B 58 -23.43 2.38 -24.10
C THR B 58 -22.79 1.09 -24.60
N THR B 59 -23.64 0.11 -24.91
CA THR B 59 -23.20 -1.16 -25.47
C THR B 59 -23.03 -1.02 -26.97
N LYS B 60 -23.74 -0.07 -27.54
CA LYS B 60 -23.62 0.20 -28.97
C LYS B 60 -22.23 0.72 -29.27
N ASP B 61 -21.80 0.56 -30.52
CA ASP B 61 -20.55 1.13 -30.98
C ASP B 61 -20.71 2.64 -31.15
N LEU B 62 -19.64 3.29 -31.59
CA LEU B 62 -19.62 4.76 -31.63
C LEU B 62 -20.62 5.34 -32.64
N LYS B 63 -21.08 4.52 -33.59
CA LYS B 63 -22.08 4.97 -34.55
C LYS B 63 -23.49 4.90 -33.97
N GLY B 64 -23.65 4.16 -32.88
CA GLY B 64 -24.93 4.08 -32.20
C GLY B 64 -25.03 5.09 -31.06
N ILE B 65 -24.02 5.94 -30.94
CA ILE B 65 -23.96 6.89 -29.83
C ILE B 65 -25.02 7.98 -29.99
N ASN B 66 -25.17 8.50 -31.21
CA ASN B 66 -26.17 9.52 -31.50
C ASN B 66 -27.59 9.00 -31.33
N GLU B 67 -27.74 7.69 -31.50
CA GLU B 67 -28.99 7.01 -31.22
C GLU B 67 -29.36 7.09 -29.74
N ASP B 68 -28.38 6.83 -28.88
CA ASP B 68 -28.61 6.73 -27.45
C ASP B 68 -28.53 8.08 -26.74
N PHE B 69 -27.79 9.01 -27.32
CA PHE B 69 -27.58 10.31 -26.68
C PHE B 69 -27.99 11.41 -27.64
N LYS B 70 -29.25 11.82 -27.55
CA LYS B 70 -29.83 12.78 -28.48
C LYS B 70 -29.29 14.19 -28.29
N ASP B 71 -28.64 14.43 -27.15
CA ASP B 71 -28.11 15.75 -26.86
C ASP B 71 -26.68 15.93 -27.34
N LEU B 72 -26.17 14.95 -28.08
CA LEU B 72 -24.81 15.02 -28.61
C LEU B 72 -24.78 15.35 -30.10
N GLU B 73 -23.78 16.13 -30.48
CA GLU B 73 -23.46 16.42 -31.87
C GLU B 73 -23.31 15.12 -32.66
N LEU B 74 -23.91 15.07 -33.85
CA LEU B 74 -23.78 13.88 -34.69
C LEU B 74 -22.33 13.59 -35.03
N LEU B 75 -21.97 12.30 -35.03
CA LEU B 75 -20.66 11.90 -35.54
C LEU B 75 -20.69 12.01 -37.06
N LYS B 76 -19.89 12.93 -37.59
CA LYS B 76 -19.85 13.17 -39.03
C LYS B 76 -18.58 12.59 -39.66
N ASP B 77 -18.70 12.12 -40.90
CA ASP B 77 -17.57 11.57 -41.63
C ASP B 77 -16.40 12.54 -41.69
N GLY B 78 -15.20 12.05 -41.39
CA GLY B 78 -14.01 12.87 -41.41
C GLY B 78 -13.95 13.90 -40.29
N ASP B 100 -14.48 16.93 -34.22
CA ASP B 100 -15.53 16.99 -33.20
C ASP B 100 -15.33 15.95 -32.10
N TYR B 101 -14.88 14.77 -32.51
CA TYR B 101 -14.67 13.66 -31.61
C TYR B 101 -13.28 13.08 -31.78
N PHE B 102 -12.83 12.40 -30.74
CA PHE B 102 -11.53 11.76 -30.69
C PHE B 102 -11.72 10.40 -30.05
N VAL B 103 -11.28 9.34 -30.72
CA VAL B 103 -11.66 7.99 -30.32
C VAL B 103 -10.46 7.15 -29.88
N PHE B 104 -10.63 6.39 -28.79
CA PHE B 104 -9.62 5.42 -28.35
C PHE B 104 -10.09 4.01 -28.70
N GLY B 105 -9.38 3.37 -29.61
CA GLY B 105 -9.79 2.08 -30.17
C GLY B 105 -9.94 0.96 -29.16
N GLN B 137 3.59 5.71 -26.17
CA GLN B 137 2.41 5.35 -25.39
C GLN B 137 2.15 6.32 -24.24
N MET B 138 0.89 6.74 -24.12
CA MET B 138 0.43 7.52 -22.98
C MET B 138 -0.71 6.77 -22.32
N THR B 139 -0.98 7.09 -21.06
CA THR B 139 -2.22 6.64 -20.43
C THR B 139 -3.35 7.39 -21.12
N THR B 140 -4.58 6.93 -20.92
CA THR B 140 -5.69 7.53 -21.65
C THR B 140 -5.96 8.95 -21.14
N ASP B 141 -5.81 9.16 -19.84
CA ASP B 141 -6.07 10.48 -19.29
C ASP B 141 -4.98 11.46 -19.71
N THR B 142 -3.74 10.99 -19.81
CA THR B 142 -2.65 11.82 -20.30
C THR B 142 -2.90 12.22 -21.75
N ALA B 143 -3.34 11.27 -22.57
CA ALA B 143 -3.60 11.52 -23.98
C ALA B 143 -4.68 12.60 -24.13
N ILE B 144 -5.71 12.49 -23.28
CA ILE B 144 -6.82 13.43 -23.34
C ILE B 144 -6.39 14.80 -22.80
N ARG B 145 -5.57 14.77 -21.76
CA ARG B 145 -5.07 16.00 -21.12
C ARG B 145 -4.32 16.89 -22.11
N THR B 146 -3.52 16.26 -22.96
CA THR B 146 -2.70 16.99 -23.91
C THR B 146 -3.56 17.56 -25.03
N THR B 147 -4.54 16.76 -25.47
CA THR B 147 -5.44 17.19 -26.54
C THR B 147 -6.23 18.41 -26.09
N GLN B 148 -6.60 18.44 -24.82
CA GLN B 148 -7.26 19.60 -24.25
C GLN B 148 -6.33 20.81 -24.25
N LEU B 149 -5.05 20.58 -23.93
CA LEU B 149 -4.05 21.63 -23.89
C LEU B 149 -3.89 22.31 -25.24
N ILE B 150 -3.64 21.50 -26.26
CA ILE B 150 -3.50 21.98 -27.64
C ILE B 150 -4.70 22.84 -28.06
N ILE B 151 -5.90 22.35 -27.75
CA ILE B 151 -7.14 23.00 -28.15
C ILE B 151 -8.00 23.40 -26.94
N ILE B 163 7.49 14.60 -19.30
CA ILE B 163 8.47 13.69 -18.72
C ILE B 163 8.19 12.26 -19.19
N ASP B 164 9.21 11.58 -19.69
CA ASP B 164 9.05 10.23 -20.21
C ASP B 164 9.67 9.13 -19.33
N TYR B 165 8.91 8.05 -19.14
CA TYR B 165 9.28 6.93 -18.27
C TYR B 165 9.67 7.38 -16.85
N PRO B 166 8.81 8.20 -16.21
CA PRO B 166 9.22 8.79 -14.93
C PRO B 166 9.40 7.73 -13.85
N GLU B 167 10.36 7.95 -12.96
CA GLU B 167 10.57 7.08 -11.83
C GLU B 167 9.92 7.70 -10.61
N PHE B 168 9.01 6.99 -9.98
CA PHE B 168 8.40 7.47 -8.74
C PHE B 168 9.12 6.85 -7.56
N ARG B 169 9.63 7.70 -6.68
CA ARG B 169 10.30 7.25 -5.47
C ARG B 169 9.40 7.46 -4.25
N PHE B 170 9.25 6.42 -3.44
CA PHE B 170 8.37 6.44 -2.28
C PHE B 170 9.15 6.33 -0.99
N ASN B 171 8.42 6.24 0.12
CA ASN B 171 9.03 6.04 1.43
C ASN B 171 9.70 4.67 1.49
N LYS B 172 10.51 4.45 2.52
CA LYS B 172 11.07 3.13 2.78
C LYS B 172 11.86 2.56 1.61
N ASN B 173 12.56 3.44 0.89
CA ASN B 173 13.42 3.06 -0.23
C ASN B 173 12.72 2.28 -1.35
N GLU B 174 11.49 2.64 -1.67
CA GLU B 174 10.84 2.04 -2.82
C GLU B 174 10.83 2.98 -4.00
N ALA B 175 10.78 2.41 -5.20
CA ALA B 175 10.69 3.20 -6.42
C ALA B 175 10.07 2.36 -7.52
N THR B 176 9.36 3.02 -8.42
CA THR B 176 8.73 2.37 -9.56
C THR B 176 8.79 3.32 -10.73
N GLU B 177 9.23 2.84 -11.88
CA GLU B 177 9.15 3.68 -13.06
C GLU B 177 7.95 3.25 -13.89
N MET B 178 7.29 4.22 -14.50
CA MET B 178 6.06 3.95 -15.26
C MET B 178 6.33 4.12 -16.75
N PRO B 179 5.94 3.12 -17.54
CA PRO B 179 6.29 3.05 -18.96
C PRO B 179 5.46 3.97 -19.86
N PHE B 180 5.32 5.24 -19.48
CA PHE B 180 4.52 6.18 -20.28
C PHE B 180 5.13 7.58 -20.30
N ARG B 181 4.73 8.40 -21.26
CA ARG B 181 5.04 9.84 -21.19
C ARG B 181 3.93 10.58 -20.45
N TYR B 182 4.32 11.51 -19.59
CA TYR B 182 3.35 12.28 -18.83
C TYR B 182 3.54 13.79 -19.00
N VAL B 183 2.52 14.54 -18.62
CA VAL B 183 2.55 16.00 -18.65
C VAL B 183 2.98 16.52 -17.29
N LEU B 184 3.79 17.58 -17.27
CA LEU B 184 4.29 18.13 -16.02
C LEU B 184 3.30 19.09 -15.35
N LYS B 186 3.79 21.80 -12.76
CA LYS B 186 4.51 22.82 -12.02
C LYS B 186 5.40 22.21 -10.94
N PRO B 190 4.99 15.14 -12.72
CA PRO B 190 4.10 14.38 -13.61
C PRO B 190 2.64 14.45 -13.16
N ILE B 191 1.72 14.65 -14.09
CA ILE B 191 0.31 14.72 -13.74
C ILE B 191 -0.33 13.34 -13.80
N LEU B 192 -0.86 12.90 -12.66
CA LEU B 192 -1.55 11.63 -12.55
C LEU B 192 -3.00 11.83 -12.14
N PRO B 193 -3.87 10.86 -12.48
CA PRO B 193 -5.20 10.84 -11.87
C PRO B 193 -5.09 10.88 -10.35
N GLU B 194 -6.07 11.50 -9.70
CA GLU B 194 -6.18 11.44 -8.25
C GLU B 194 -6.22 9.98 -7.81
N GLY B 195 -5.44 9.66 -6.79
CA GLY B 195 -5.37 8.29 -6.29
C GLY B 195 -4.41 7.36 -7.02
N MET B 196 -3.88 7.78 -8.17
CA MET B 196 -3.04 6.88 -8.99
C MET B 196 -1.71 6.60 -8.31
N LEU B 197 -1.13 7.62 -7.69
CA LEU B 197 0.14 7.44 -6.98
C LEU B 197 0.00 6.38 -5.87
N ASP B 198 -1.08 6.43 -5.11
CA ASP B 198 -1.32 5.42 -4.08
C ASP B 198 -1.47 4.02 -4.68
N LEU B 199 -2.10 3.93 -5.85
CA LEU B 199 -2.29 2.65 -6.52
C LEU B 199 -0.95 2.10 -7.02
N ILE B 200 -0.10 2.99 -7.52
CA ILE B 200 1.24 2.57 -7.94
C ILE B 200 2.01 2.06 -6.72
N LYS B 201 1.92 2.81 -5.63
CA LYS B 201 2.58 2.43 -4.38
C LYS B 201 2.09 1.05 -3.90
N LYS B 202 0.81 0.78 -4.11
CA LYS B 202 0.19 -0.44 -3.61
C LYS B 202 0.82 -1.68 -4.24
N ASP B 203 1.26 -1.56 -5.48
CA ASP B 203 1.87 -2.70 -6.18
C ASP B 203 3.39 -2.67 -6.18
N SER B 204 3.98 -1.67 -5.53
CA SER B 204 5.44 -1.60 -5.42
C SER B 204 5.96 -2.54 -4.33
N LEU B 205 6.94 -3.36 -4.66
CA LEU B 205 7.48 -4.31 -3.67
C LEU B 205 8.35 -3.59 -2.64
N GLU B 206 8.33 -4.10 -1.41
CA GLU B 206 9.23 -3.66 -0.34
C GLU B 206 10.68 -3.51 -0.80
N HIS B 207 11.37 -2.52 -0.25
CA HIS B 207 12.80 -2.33 -0.46
C HIS B 207 13.58 -3.59 -0.78
N HIS B 208 14.15 -3.65 -1.98
CA HIS B 208 14.83 -4.85 -2.47
C HIS B 208 15.88 -4.47 -3.51
N HIS B 209 16.83 -5.37 -3.76
CA HIS B 209 17.88 -5.09 -4.73
C HIS B 209 17.94 -6.16 -5.80
N HIS B 210 18.01 -5.74 -7.06
CA HIS B 210 18.08 -6.70 -8.15
C HIS B 210 19.52 -7.10 -8.41
N HIS B 211 19.79 -8.40 -8.28
CA HIS B 211 21.10 -8.95 -8.60
C HIS B 211 21.04 -9.88 -9.82
S SO4 C . -8.00 -7.59 -0.33
O1 SO4 C . -6.76 -6.91 -0.75
O2 SO4 C . -9.00 -6.55 -0.11
O3 SO4 C . -7.76 -8.33 0.89
O4 SO4 C . -8.46 -8.50 -1.36
NI NI D . 13.43 1.16 -17.13
NI NI E . 17.49 -8.40 -13.40
NI NI F . 12.04 -5.04 -8.39
S SO4 G . -17.00 1.79 -6.96
O1 SO4 G . -17.04 1.95 -5.52
O2 SO4 G . -16.86 3.13 -7.55
O3 SO4 G . -18.21 1.17 -7.46
O4 SO4 G . -15.85 0.97 -7.34
NI NI H . 23.74 -5.45 -4.47
#